data_6T8V
#
_entry.id   6T8V
#
_cell.length_a   54.652
_cell.length_b   97.487
_cell.length_c   61.975
_cell.angle_alpha   90.000
_cell.angle_beta   100.465
_cell.angle_gamma   90.000
#
_symmetry.space_group_name_H-M   'P 1 21 1'
#
loop_
_entity.id
_entity.type
_entity.pdbx_description
1 polymer 'Complement factor B'
2 non-polymer 'SULFATE ION'
3 non-polymer '4-[(2~{S})-1-[(5,7-dimethyl-1~{H}-indol-4-yl)methyl]piperidin-2-yl]benzoic acid'
4 non-polymer 'ZINC ION'
5 water water
#
_entity_poly.entity_id   1
_entity_poly.type   'polypeptide(L)'
_entity_poly.pdbx_seq_one_letter_code
;SLSLCGMVWEHRKGTDYHKQPWQAKISVIRPSKGHESCMGAVVSEYFVLTAAHCFTVDDKEHSIKVSVGGEKRDLEIEVV
LFHPNYNINGKKEAGIPEFYDYDVALIKLKNKLKYGQTIRPICLPCTEGTTRALRLPPTTTCQQQKEELLPAQDIKALFV
SEEEKKLTRKEVYIKNGDKKGSCERDAQYAPGYDKVKDISEVVTPRFLCTGGVSPYADPNTCRGDSGGPLIVHKRSRFIQ
VGVISWGVVDVCKNQKRQKQVPAHARDFHINLFQVLPWLKEKLQDEDLGFL
;
_entity_poly.pdbx_strand_id   AAA,BBB
#
# COMPACT_ATOMS: atom_id res chain seq x y z
N SER A 3 -3.42 -22.39 23.43
CA SER A 3 -3.54 -21.24 22.51
C SER A 3 -4.15 -20.05 23.24
N LEU A 4 -3.97 -20.01 24.58
CA LEU A 4 -4.25 -18.83 25.39
C LEU A 4 -3.14 -17.79 25.21
N CYS A 5 -3.35 -16.84 24.30
CA CYS A 5 -2.28 -15.94 23.92
C CYS A 5 -2.29 -14.69 24.80
N GLY A 6 -1.13 -14.01 24.82
CA GLY A 6 -0.99 -12.70 25.41
C GLY A 6 -1.21 -12.67 26.93
N MET A 7 -0.91 -13.77 27.63
CA MET A 7 -1.01 -13.71 29.09
C MET A 7 0.25 -14.23 29.78
N VAL A 8 0.50 -13.65 30.96
CA VAL A 8 1.58 -14.08 31.84
C VAL A 8 1.14 -15.35 32.59
N TRP A 9 2.07 -16.32 32.71
CA TRP A 9 1.74 -17.68 33.08
C TRP A 9 2.39 -18.03 34.43
N ARG A 12 3.03 -16.06 40.09
CA ARG A 12 3.99 -15.32 40.96
C ARG A 12 4.30 -13.94 40.38
N LYS A 13 5.14 -13.19 41.11
CA LYS A 13 5.61 -11.87 40.72
C LYS A 13 7.05 -11.95 40.22
N GLY A 14 7.29 -12.83 39.24
CA GLY A 14 8.62 -13.05 38.68
C GLY A 14 9.11 -11.88 37.83
N THR A 15 10.20 -12.11 37.09
CA THR A 15 11.00 -11.06 36.46
C THR A 15 11.16 -11.28 34.95
N ASP A 16 11.44 -10.19 34.22
CA ASP A 16 11.91 -10.17 32.83
C ASP A 16 11.08 -11.06 31.92
N TYR A 17 11.59 -12.27 31.67
CA TYR A 17 10.92 -13.12 30.69
C TYR A 17 9.61 -13.65 31.25
N HIS A 18 9.47 -13.67 32.59
CA HIS A 18 8.20 -14.06 33.20
C HIS A 18 7.13 -13.01 32.91
N LYS A 19 7.54 -11.74 32.82
CA LYS A 19 6.58 -10.66 32.55
C LYS A 19 6.31 -10.50 31.05
N GLN A 20 7.32 -10.77 30.21
CA GLN A 20 7.20 -10.64 28.77
C GLN A 20 7.59 -11.95 28.09
N PRO A 21 6.81 -13.03 28.24
CA PRO A 21 7.23 -14.35 27.74
C PRO A 21 7.27 -14.56 26.23
N TRP A 22 6.83 -13.54 25.46
CA TRP A 22 6.78 -13.66 24.01
C TRP A 22 8.04 -13.07 23.39
N GLN A 23 8.82 -12.35 24.19
CA GLN A 23 9.97 -11.64 23.63
C GLN A 23 10.98 -12.61 23.03
N ALA A 24 11.50 -12.29 21.84
CA ALA A 24 12.60 -13.06 21.29
C ALA A 24 13.79 -12.15 21.03
N LYS A 25 14.99 -12.70 21.24
CA LYS A 25 16.24 -11.97 21.10
C LYS A 25 16.94 -12.48 19.86
N ILE A 26 17.42 -11.57 19.02
CA ILE A 26 18.00 -11.93 17.74
C ILE A 26 19.37 -11.26 17.62
N SER A 27 20.37 -12.04 17.17
CA SER A 27 21.72 -11.53 16.95
C SER A 27 22.14 -11.78 15.51
N VAL A 28 22.80 -10.78 14.92
CA VAL A 28 23.34 -10.91 13.58
C VAL A 28 24.62 -11.72 13.71
N ILE A 29 24.80 -12.74 12.87
CA ILE A 29 25.93 -13.65 13.01
C ILE A 29 27.23 -12.98 12.58
N ARG A 30 27.23 -12.26 11.45
CA ARG A 30 28.38 -11.44 11.06
C ARG A 30 28.07 -9.94 11.29
N PRO A 31 28.22 -9.48 12.54
CA PRO A 31 27.78 -8.12 12.86
C PRO A 31 28.61 -7.03 12.18
N SER A 32 28.01 -5.85 12.08
CA SER A 32 28.70 -4.61 11.70
C SER A 32 27.93 -3.45 12.33
N LYS A 33 28.37 -2.20 12.07
CA LYS A 33 27.67 -1.06 12.64
C LYS A 33 26.29 -0.96 12.01
N GLY A 34 25.25 -0.97 12.84
CA GLY A 34 23.87 -0.88 12.37
C GLY A 34 23.20 -2.25 12.17
N HIS A 35 24.00 -3.32 12.16
CA HIS A 35 23.51 -4.67 11.95
C HIS A 35 24.10 -5.57 13.02
N GLU A 36 23.62 -5.42 14.26
CA GLU A 36 24.16 -6.19 15.38
C GLU A 36 23.09 -7.09 16.00
N SER A 37 21.89 -6.55 16.21
CA SER A 37 20.89 -7.29 16.95
C SER A 37 19.48 -6.75 16.64
N CYS A 38 18.46 -7.52 17.02
CA CYS A 38 17.05 -7.19 16.79
C CYS A 38 16.24 -7.94 17.83
N MET A 39 14.92 -7.71 17.82
CA MET A 39 13.99 -8.40 18.68
C MET A 39 12.93 -9.06 17.79
N GLY A 40 12.04 -9.82 18.43
CA GLY A 40 10.97 -10.56 17.76
C GLY A 40 9.91 -10.93 18.79
N ALA A 41 8.80 -11.51 18.30
CA ALA A 41 7.73 -11.98 19.15
C ALA A 41 7.37 -13.41 18.74
N VAL A 42 7.27 -14.29 19.74
CA VAL A 42 6.68 -15.61 19.56
C VAL A 42 5.19 -15.43 19.25
N VAL A 43 4.74 -15.98 18.11
CA VAL A 43 3.35 -15.84 17.67
C VAL A 43 2.66 -17.20 17.57
N SER A 44 3.46 -18.27 17.55
CA SER A 44 2.96 -19.64 17.54
C SER A 44 4.13 -20.60 17.84
N GLU A 45 3.85 -21.90 17.86
CA GLU A 45 4.86 -22.84 18.31
C GLU A 45 6.00 -22.92 17.32
N TYR A 46 5.76 -22.50 16.07
CA TYR A 46 6.78 -22.62 15.04
C TYR A 46 7.27 -21.27 14.51
N PHE A 47 6.74 -20.15 15.03
CA PHE A 47 6.98 -18.87 14.36
C PHE A 47 7.31 -17.74 15.33
N VAL A 48 8.32 -16.96 14.90
CA VAL A 48 8.70 -15.71 15.52
C VAL A 48 8.52 -14.62 14.46
N LEU A 49 7.77 -13.56 14.81
CA LEU A 49 7.60 -12.39 13.96
C LEU A 49 8.63 -11.31 14.31
N THR A 50 9.26 -10.77 13.27
CA THR A 50 10.25 -9.72 13.40
C THR A 50 10.25 -8.79 12.17
N ALA A 51 11.29 -7.97 12.04
CA ALA A 51 11.41 -7.04 10.92
C ALA A 51 12.31 -7.65 9.85
N ALA A 52 12.01 -7.36 8.57
CA ALA A 52 12.73 -7.93 7.44
C ALA A 52 14.15 -7.40 7.38
N HIS A 53 14.41 -6.16 7.85
CA HIS A 53 15.73 -5.55 7.66
C HIS A 53 16.75 -6.13 8.64
N CYS A 54 16.34 -7.08 9.49
CA CYS A 54 17.25 -7.66 10.47
C CYS A 54 18.15 -8.72 9.84
N PHE A 55 17.80 -9.16 8.62
CA PHE A 55 18.44 -10.26 7.93
C PHE A 55 19.30 -9.72 6.79
N THR A 56 20.22 -10.56 6.31
CA THR A 56 20.89 -10.33 5.03
C THR A 56 20.01 -10.88 3.92
N VAL A 57 20.02 -10.25 2.74
CA VAL A 57 19.11 -10.63 1.67
C VAL A 57 19.43 -12.05 1.18
N ASP A 58 20.73 -12.38 1.11
CA ASP A 58 21.20 -13.68 0.67
C ASP A 58 21.38 -14.59 1.89
N ASP A 59 21.01 -15.87 1.74
CA ASP A 59 21.10 -16.87 2.80
C ASP A 59 20.55 -16.36 4.13
N LYS A 60 19.28 -15.95 4.10
CA LYS A 60 18.64 -15.36 5.26
C LYS A 60 18.75 -16.30 6.45
N GLU A 61 18.58 -17.61 6.22
CA GLU A 61 18.38 -18.60 7.26
C GLU A 61 19.61 -18.73 8.17
N HIS A 62 20.79 -18.37 7.65
CA HIS A 62 22.03 -18.52 8.39
C HIS A 62 22.61 -17.16 8.78
N SER A 63 21.79 -16.12 8.76
CA SER A 63 22.32 -14.78 8.96
C SER A 63 22.05 -14.27 10.37
N ILE A 64 21.25 -15.00 11.17
CA ILE A 64 20.90 -14.56 12.52
C ILE A 64 20.88 -15.76 13.43
N LYS A 65 20.95 -15.50 14.73
CA LYS A 65 20.53 -16.47 15.73
C LYS A 65 19.33 -15.89 16.48
N VAL A 66 18.49 -16.81 16.98
CA VAL A 66 17.34 -16.36 17.73
C VAL A 66 17.25 -17.16 19.01
N SER A 67 16.94 -16.48 20.12
CA SER A 67 16.70 -17.12 21.40
C SER A 67 15.38 -16.63 21.95
N VAL A 68 14.77 -17.46 22.79
CA VAL A 68 13.56 -17.12 23.53
C VAL A 68 13.79 -17.42 25.00
N GLY A 69 12.88 -16.94 25.86
CA GLY A 69 12.82 -17.34 27.24
C GLY A 69 14.00 -16.83 28.07
N GLY A 70 14.89 -16.09 27.42
CA GLY A 70 16.14 -15.64 28.03
C GLY A 70 17.24 -16.72 28.04
N GLU A 71 17.08 -17.77 27.22
CA GLU A 71 18.02 -18.88 27.18
C GLU A 71 19.31 -18.49 26.47
N LYS A 72 20.39 -19.25 26.73
CA LYS A 72 21.67 -19.09 26.05
C LYS A 72 21.56 -19.70 24.65
N ARG A 73 20.80 -20.80 24.56
CA ARG A 73 20.62 -21.66 23.41
C ARG A 73 19.94 -20.91 22.26
N ASP A 74 20.38 -21.21 21.02
CA ASP A 74 19.82 -20.69 19.78
C ASP A 74 18.89 -21.74 19.19
N LEU A 75 17.79 -21.30 18.59
CA LEU A 75 16.87 -22.22 17.96
C LEU A 75 17.22 -22.43 16.49
N GLU A 76 17.04 -23.66 16.00
CA GLU A 76 17.24 -23.99 14.60
C GLU A 76 16.20 -23.26 13.75
N ILE A 77 16.70 -22.43 12.81
CA ILE A 77 15.84 -21.67 11.91
C ILE A 77 15.74 -22.42 10.58
N GLU A 78 14.52 -22.83 10.24
CA GLU A 78 14.26 -23.62 9.05
C GLU A 78 14.07 -22.72 7.82
N VAL A 79 13.19 -21.73 7.93
CA VAL A 79 13.02 -20.77 6.85
C VAL A 79 12.68 -19.40 7.43
N VAL A 80 13.07 -18.37 6.66
CA VAL A 80 12.71 -16.98 6.90
C VAL A 80 11.83 -16.48 5.75
N LEU A 81 10.65 -15.94 6.07
CA LEU A 81 9.69 -15.47 5.06
C LEU A 81 9.62 -13.96 5.14
N PHE A 82 10.07 -13.27 4.09
CA PHE A 82 9.98 -11.82 4.01
C PHE A 82 8.62 -11.47 3.43
N HIS A 83 8.01 -10.39 3.90
CA HIS A 83 6.89 -9.87 3.15
C HIS A 83 7.35 -9.63 1.71
N PRO A 84 6.60 -10.10 0.68
CA PRO A 84 7.05 -9.97 -0.72
C PRO A 84 7.25 -8.54 -1.22
N ASN A 85 6.68 -7.54 -0.54
CA ASN A 85 6.77 -6.18 -1.06
C ASN A 85 7.98 -5.46 -0.46
N TYR A 86 8.70 -6.12 0.46
CA TYR A 86 9.80 -5.43 1.12
C TYR A 86 11.03 -5.28 0.20
N ASN A 87 11.61 -4.07 0.16
CA ASN A 87 12.82 -3.80 -0.63
C ASN A 87 13.46 -2.52 -0.11
N ILE A 88 14.62 -2.70 0.52
CA ILE A 88 15.26 -1.62 1.24
C ILE A 88 15.81 -0.59 0.26
N ASN A 89 16.10 -1.05 -0.96
CA ASN A 89 16.65 -0.19 -2.00
C ASN A 89 15.55 0.38 -2.89
N GLY A 90 14.30 0.11 -2.53
CA GLY A 90 13.15 0.42 -3.38
C GLY A 90 13.07 1.88 -3.86
N LYS A 91 13.68 2.82 -3.12
CA LYS A 91 13.43 4.23 -3.39
C LYS A 91 14.73 5.05 -3.52
N LYS A 92 15.86 4.40 -3.82
CA LYS A 92 17.11 5.11 -4.06
C LYS A 92 16.95 6.27 -5.04
N GLU A 93 16.25 6.04 -6.18
CA GLU A 93 15.92 7.06 -7.19
C GLU A 93 15.40 8.34 -6.56
N ALA A 94 14.52 8.21 -5.55
CA ALA A 94 13.88 9.36 -4.94
C ALA A 94 14.79 9.99 -3.87
N GLY A 95 16.03 9.50 -3.74
CA GLY A 95 16.92 10.01 -2.70
C GLY A 95 16.64 9.41 -1.32
N ILE A 96 15.80 8.36 -1.24
CA ILE A 96 15.54 7.68 0.02
C ILE A 96 16.44 6.44 0.10
N PRO A 97 17.51 6.51 0.90
CA PRO A 97 18.56 5.50 0.87
C PRO A 97 18.14 4.17 1.49
N GLU A 98 17.25 4.19 2.49
CA GLU A 98 16.64 2.97 3.00
C GLU A 98 15.14 3.16 3.14
N PHE A 99 14.39 2.23 2.54
CA PHE A 99 12.93 2.28 2.48
C PHE A 99 12.37 1.11 3.28
N TYR A 100 11.66 1.40 4.38
CA TYR A 100 11.26 0.36 5.32
C TYR A 100 9.81 -0.09 5.09
N ASP A 101 9.22 0.27 3.94
CA ASP A 101 7.87 -0.19 3.67
C ASP A 101 7.84 -1.71 3.80
N TYR A 102 6.77 -2.25 4.42
CA TYR A 102 6.54 -3.70 4.49
C TYR A 102 7.68 -4.46 5.18
N ASP A 103 8.22 -3.86 6.24
CA ASP A 103 9.41 -4.37 6.89
C ASP A 103 9.02 -5.40 7.95
N VAL A 104 8.46 -6.53 7.50
CA VAL A 104 8.09 -7.64 8.37
C VAL A 104 8.59 -8.95 7.76
N ALA A 105 8.93 -9.88 8.66
CA ALA A 105 9.40 -11.20 8.28
C ALA A 105 8.95 -12.19 9.37
N LEU A 106 8.73 -13.44 8.95
CA LEU A 106 8.46 -14.54 9.88
C LEU A 106 9.62 -15.54 9.85
N ILE A 107 10.06 -15.93 11.04
CA ILE A 107 11.06 -16.97 11.23
C ILE A 107 10.27 -18.26 11.50
N LYS A 108 10.41 -19.25 10.60
CA LYS A 108 9.86 -20.57 10.87
C LYS A 108 10.91 -21.46 11.55
N LEU A 109 10.58 -21.89 12.78
CA LEU A 109 11.49 -22.74 13.55
C LEU A 109 11.39 -24.18 13.04
N LYS A 110 12.50 -24.90 13.05
CA LYS A 110 12.43 -26.32 12.71
C LYS A 110 11.73 -27.09 13.83
N ASN A 111 12.02 -26.77 15.11
CA ASN A 111 11.41 -27.52 16.20
C ASN A 111 10.27 -26.71 16.83
N LYS A 112 9.27 -27.45 17.30
CA LYS A 112 8.12 -26.87 17.99
C LYS A 112 8.59 -26.29 19.31
N LEU A 113 8.28 -25.01 19.59
CA LEU A 113 8.51 -24.44 20.90
C LEU A 113 7.63 -25.17 21.91
N LYS A 114 8.15 -25.36 23.12
CA LYS A 114 7.33 -25.84 24.22
C LYS A 114 6.99 -24.64 25.11
N TYR A 115 5.71 -24.34 25.20
CA TYR A 115 5.27 -23.19 25.99
C TYR A 115 5.55 -23.45 27.47
N GLY A 116 5.93 -22.39 28.20
CA GLY A 116 6.26 -22.50 29.61
C GLY A 116 6.04 -21.14 30.29
N GLN A 117 6.77 -20.91 31.39
CA GLN A 117 6.55 -19.67 32.12
C GLN A 117 7.32 -18.53 31.46
N THR A 118 8.29 -18.86 30.60
CA THR A 118 9.15 -17.84 30.02
C THR A 118 9.03 -17.84 28.48
N ILE A 119 8.21 -18.72 27.94
CA ILE A 119 7.97 -18.80 26.50
C ILE A 119 6.48 -18.96 26.27
N ARG A 120 5.87 -17.91 25.73
CA ARG A 120 4.43 -17.88 25.48
C ARG A 120 4.14 -17.06 24.23
N PRO A 121 3.06 -17.38 23.49
CA PRO A 121 2.70 -16.61 22.28
C PRO A 121 2.01 -15.28 22.62
N ILE A 122 2.26 -14.24 21.84
CA ILE A 122 1.46 -13.02 22.00
C ILE A 122 0.22 -13.15 21.10
N CYS A 123 -0.85 -12.40 21.37
CA CYS A 123 -2.02 -12.41 20.51
C CYS A 123 -1.79 -11.58 19.24
N LEU A 124 -2.24 -12.10 18.10
CA LEU A 124 -2.20 -11.35 16.86
C LEU A 124 -3.59 -10.78 16.53
N PRO A 125 -3.64 -9.65 15.81
CA PRO A 125 -4.91 -9.04 15.41
C PRO A 125 -5.69 -9.93 14.45
N CYS A 126 -7.02 -9.86 14.57
CA CYS A 126 -7.98 -10.52 13.71
C CYS A 126 -7.87 -12.04 13.85
N THR A 127 -7.69 -12.47 15.10
CA THR A 127 -7.72 -13.89 15.40
C THR A 127 -8.76 -14.11 16.49
N GLU A 128 -9.24 -15.36 16.59
CA GLU A 128 -10.14 -15.74 17.66
C GLU A 128 -9.43 -15.63 19.00
N GLY A 129 -8.10 -15.79 19.00
CA GLY A 129 -7.35 -15.61 20.23
C GLY A 129 -7.48 -14.21 20.81
N THR A 130 -7.48 -13.22 19.90
CA THR A 130 -7.57 -11.83 20.30
C THR A 130 -9.01 -11.50 20.71
N THR A 131 -9.99 -12.11 20.04
CA THR A 131 -11.38 -11.99 20.47
C THR A 131 -11.53 -12.49 21.92
N ARG A 132 -10.95 -13.66 22.22
CA ARG A 132 -11.12 -14.19 23.56
C ARG A 132 -10.34 -13.32 24.55
N ALA A 133 -9.13 -12.92 24.16
CA ALA A 133 -8.26 -12.11 24.99
C ALA A 133 -8.92 -10.79 25.40
N LEU A 134 -9.69 -10.18 24.49
CA LEU A 134 -10.32 -8.90 24.76
C LEU A 134 -11.74 -9.10 25.29
N ARG A 135 -12.16 -10.37 25.52
CA ARG A 135 -13.43 -10.75 26.09
C ARG A 135 -14.59 -10.18 25.27
N LEU A 136 -14.53 -10.39 23.95
CA LEU A 136 -15.49 -9.84 23.00
C LEU A 136 -16.39 -10.98 22.50
N PRO A 137 -17.55 -10.63 21.95
CA PRO A 137 -18.51 -11.64 21.56
C PRO A 137 -18.01 -12.37 20.30
N PRO A 138 -18.54 -13.56 20.05
CA PRO A 138 -18.07 -14.35 18.91
C PRO A 138 -18.46 -13.77 17.55
N THR A 139 -19.31 -12.73 17.57
CA THR A 139 -19.71 -11.96 16.38
C THR A 139 -18.62 -10.96 15.95
N THR A 140 -17.51 -10.89 16.71
CA THR A 140 -16.52 -9.87 16.49
C THR A 140 -15.85 -10.03 15.12
N THR A 141 -15.81 -8.93 14.34
CA THR A 141 -15.14 -8.93 13.05
C THR A 141 -13.74 -8.33 13.17
N CYS A 142 -12.97 -8.45 12.09
CA CYS A 142 -11.63 -7.87 12.00
C CYS A 142 -11.71 -6.36 12.23
N GLN A 143 -12.65 -5.69 11.53
CA GLN A 143 -12.84 -4.26 11.66
C GLN A 143 -13.18 -3.86 13.10
N GLN A 144 -13.96 -4.68 13.81
CA GLN A 144 -14.34 -4.32 15.18
C GLN A 144 -13.13 -4.43 16.11
N GLN A 145 -12.23 -5.39 15.86
CA GLN A 145 -10.99 -5.55 16.60
C GLN A 145 -10.10 -4.32 16.40
N LYS A 146 -10.02 -3.82 15.15
CA LYS A 146 -9.27 -2.62 14.86
C LYS A 146 -9.85 -1.41 15.61
N GLU A 147 -11.18 -1.29 15.69
CA GLU A 147 -11.82 -0.18 16.39
C GLU A 147 -11.50 -0.26 17.87
N GLU A 148 -11.50 -1.49 18.40
CA GLU A 148 -11.19 -1.72 19.81
C GLU A 148 -9.71 -1.43 20.06
N LEU A 149 -8.81 -1.86 19.15
CA LEU A 149 -7.37 -1.79 19.42
C LEU A 149 -6.78 -0.47 18.95
N LEU A 150 -7.18 0.02 17.77
CA LEU A 150 -6.57 1.24 17.25
C LEU A 150 -7.64 2.29 16.99
N PRO A 151 -8.27 2.88 18.04
CA PRO A 151 -9.23 3.95 17.85
C PRO A 151 -8.49 5.20 17.37
N ALA A 152 -9.23 6.19 16.86
CA ALA A 152 -8.69 7.43 16.30
C ALA A 152 -8.38 8.42 17.42
N GLN A 153 -7.32 8.14 18.18
CA GLN A 153 -6.93 8.97 19.30
C GLN A 153 -5.46 8.68 19.58
N ASP A 154 -4.90 9.27 20.63
CA ASP A 154 -3.61 8.86 21.17
C ASP A 154 -3.81 7.57 21.94
N ILE A 155 -3.09 6.50 21.57
CA ILE A 155 -3.36 5.17 22.09
C ILE A 155 -2.18 4.73 22.95
N LYS A 156 -2.47 4.41 24.20
CA LYS A 156 -1.46 3.87 25.08
C LYS A 156 -1.02 2.50 24.58
N ALA A 157 0.31 2.32 24.52
CA ALA A 157 0.95 1.12 24.03
C ALA A 157 2.30 0.95 24.75
N LEU A 158 3.04 -0.08 24.37
CA LEU A 158 4.33 -0.35 25.01
C LEU A 158 5.23 -1.15 24.08
N PHE A 159 6.54 -1.05 24.35
CA PHE A 159 7.46 -1.96 23.68
C PHE A 159 8.52 -2.33 24.71
N VAL A 160 9.38 -3.30 24.38
CA VAL A 160 10.37 -3.85 25.30
C VAL A 160 11.77 -3.74 24.69
N SER A 161 12.74 -3.31 25.51
CA SER A 161 14.16 -3.29 25.23
C SER A 161 14.90 -4.32 26.09
N GLU A 162 15.97 -4.91 25.53
CA GLU A 162 16.75 -5.95 26.18
C GLU A 162 18.21 -5.53 26.26
N GLU A 163 18.86 -5.92 27.37
CA GLU A 163 20.31 -5.81 27.58
C GLU A 163 20.77 -6.88 28.59
N GLU A 164 21.61 -7.81 28.12
CA GLU A 164 22.17 -8.89 28.93
C GLU A 164 21.05 -9.60 29.70
N LYS A 165 20.05 -10.06 28.94
CA LYS A 165 18.89 -10.82 29.38
C LYS A 165 17.99 -10.00 30.32
N LYS A 166 18.23 -8.68 30.45
CA LYS A 166 17.37 -7.79 31.23
C LYS A 166 16.41 -7.02 30.30
N LEU A 167 15.11 -7.24 30.50
CA LEU A 167 14.05 -6.62 29.71
C LEU A 167 13.47 -5.41 30.46
N THR A 168 13.28 -4.32 29.70
CA THR A 168 12.71 -3.09 30.24
C THR A 168 11.53 -2.63 29.36
N ARG A 169 10.36 -2.60 29.99
CA ARG A 169 9.09 -2.25 29.38
C ARG A 169 9.00 -0.73 29.33
N LYS A 170 8.75 -0.16 28.14
CA LYS A 170 8.64 1.28 27.98
C LYS A 170 7.28 1.63 27.39
N GLU A 171 6.65 2.67 27.94
CA GLU A 171 5.29 3.03 27.56
C GLU A 171 5.32 4.19 26.56
N VAL A 172 4.54 4.02 25.49
CA VAL A 172 4.50 4.97 24.40
C VAL A 172 3.03 5.22 24.05
N TYR A 173 2.81 6.28 23.27
CA TYR A 173 1.49 6.59 22.74
C TYR A 173 1.53 6.59 21.22
N ILE A 174 0.59 5.86 20.61
CA ILE A 174 0.43 5.82 19.17
C ILE A 174 -0.41 7.03 18.77
N LYS A 175 0.14 7.85 17.87
CA LYS A 175 -0.56 9.04 17.43
C LYS A 175 -1.50 8.67 16.29
N ASN A 176 -2.74 8.31 16.64
CA ASN A 176 -3.68 7.84 15.63
C ASN A 176 -4.88 8.79 15.51
N GLY A 177 -4.83 9.94 16.20
CA GLY A 177 -5.91 10.92 16.16
C GLY A 177 -5.47 12.19 15.44
N ASP A 178 -5.74 13.34 16.07
CA ASP A 178 -5.44 14.60 15.42
C ASP A 178 -3.93 14.86 15.32
N LYS A 179 -3.10 14.10 16.04
CA LYS A 179 -1.66 14.31 15.97
C LYS A 179 -1.01 13.41 14.91
N LYS A 180 -1.83 12.62 14.21
CA LYS A 180 -1.25 11.63 13.32
C LYS A 180 -0.41 12.27 12.22
N GLY A 181 -0.95 13.30 11.58
CA GLY A 181 -0.28 13.94 10.46
C GLY A 181 1.07 14.51 10.88
N SER A 182 1.07 15.21 12.02
CA SER A 182 2.28 15.81 12.55
C SER A 182 3.29 14.74 12.93
N CYS A 183 2.83 13.65 13.55
CA CYS A 183 3.72 12.53 13.86
C CYS A 183 4.46 12.07 12.60
N GLU A 184 3.71 11.78 11.53
CA GLU A 184 4.26 11.25 10.30
C GLU A 184 5.18 12.26 9.61
N ARG A 185 4.81 13.55 9.65
CA ARG A 185 5.59 14.59 8.96
C ARG A 185 6.99 14.70 9.56
N ASP A 186 7.13 14.31 10.84
CA ASP A 186 8.40 14.43 11.54
C ASP A 186 9.44 13.41 11.06
N ALA A 187 9.05 12.52 10.15
CA ALA A 187 10.01 11.66 9.48
C ALA A 187 11.15 12.47 8.85
N GLN A 188 10.89 13.74 8.51
CA GLN A 188 11.85 14.62 7.86
C GLN A 188 13.01 14.99 8.80
N TYR A 189 12.91 14.68 10.09
CA TYR A 189 14.00 14.89 11.03
C TYR A 189 14.98 13.71 11.03
N ALA A 190 14.64 12.62 10.35
CA ALA A 190 15.56 11.48 10.30
C ALA A 190 16.70 11.80 9.33
N PRO A 191 17.95 11.52 9.72
CA PRO A 191 19.07 11.69 8.78
C PRO A 191 18.84 10.96 7.45
N GLY A 192 18.97 11.69 6.34
CA GLY A 192 18.78 11.13 5.01
C GLY A 192 17.36 11.38 4.44
N TYR A 193 16.41 11.68 5.31
CA TYR A 193 15.03 11.83 4.88
C TYR A 193 14.67 13.32 4.70
N ASP A 194 15.66 14.21 4.83
CA ASP A 194 15.40 15.62 5.06
C ASP A 194 15.20 16.36 3.73
N LYS A 195 15.76 15.84 2.63
CA LYS A 195 15.78 16.56 1.35
C LYS A 195 14.57 16.16 0.49
N VAL A 196 13.79 15.19 0.96
CA VAL A 196 12.76 14.48 0.19
C VAL A 196 11.49 15.32 0.11
N LYS A 197 11.14 15.74 -1.12
CA LYS A 197 10.15 16.80 -1.32
C LYS A 197 8.75 16.41 -0.82
N ASP A 198 8.44 15.11 -0.71
CA ASP A 198 7.16 14.71 -0.15
C ASP A 198 7.37 13.54 0.80
N ILE A 199 6.93 13.73 2.05
CA ILE A 199 7.33 12.87 3.14
C ILE A 199 6.48 11.59 3.15
N SER A 200 5.27 11.68 2.60
CA SER A 200 4.44 10.48 2.64
C SER A 200 5.02 9.40 1.72
N GLU A 201 6.09 9.75 0.99
CA GLU A 201 6.83 8.79 0.19
C GLU A 201 7.61 7.85 1.12
N VAL A 202 8.00 8.35 2.31
CA VAL A 202 8.74 7.52 3.25
C VAL A 202 7.79 6.88 4.25
N VAL A 203 6.72 7.60 4.60
CA VAL A 203 5.75 7.12 5.57
C VAL A 203 4.51 6.67 4.84
N THR A 204 4.46 5.39 4.49
CA THR A 204 3.34 4.84 3.76
C THR A 204 2.20 4.48 4.72
N PRO A 205 1.03 4.09 4.19
CA PRO A 205 -0.09 3.62 5.04
C PRO A 205 0.20 2.41 5.94
N ARG A 206 1.36 1.75 5.71
CA ARG A 206 1.77 0.59 6.50
C ARG A 206 2.21 0.96 7.91
N PHE A 207 2.38 2.26 8.22
CA PHE A 207 3.09 2.67 9.43
C PHE A 207 2.19 3.25 10.53
N LEU A 208 2.44 2.84 11.78
CA LEU A 208 2.00 3.51 12.98
C LEU A 208 3.15 4.36 13.50
N CYS A 209 2.83 5.38 14.33
CA CYS A 209 3.80 6.39 14.72
C CYS A 209 3.69 6.60 16.24
N THR A 210 4.84 6.51 16.95
CA THR A 210 4.95 6.85 18.37
C THR A 210 6.06 7.89 18.57
N GLY A 211 6.24 8.33 19.82
CA GLY A 211 7.36 9.20 20.18
C GLY A 211 6.94 10.67 20.29
N GLY A 212 7.84 11.51 20.83
CA GLY A 212 7.55 12.91 21.07
C GLY A 212 7.28 13.18 22.54
N VAL A 213 6.85 14.39 22.87
CA VAL A 213 6.63 14.73 24.28
C VAL A 213 5.15 14.98 24.59
N SER A 214 4.27 14.88 23.58
CA SER A 214 2.85 15.01 23.88
C SER A 214 2.08 13.80 23.36
N PRO A 215 1.05 13.29 24.03
CA PRO A 215 0.60 13.71 25.37
C PRO A 215 1.53 13.44 26.55
N TYR A 216 2.49 12.52 26.40
CA TYR A 216 3.47 12.32 27.46
C TYR A 216 4.85 12.17 26.82
N ALA A 217 5.88 12.04 27.66
CA ALA A 217 7.24 11.91 27.16
C ALA A 217 7.55 10.45 26.82
N ASP A 218 7.36 10.08 25.55
CA ASP A 218 7.57 8.71 25.12
C ASP A 218 9.06 8.42 25.10
N PRO A 219 9.53 7.25 25.60
CA PRO A 219 10.92 6.84 25.34
C PRO A 219 11.02 6.48 23.85
N ASN A 220 12.25 6.50 23.30
CA ASN A 220 12.47 6.22 21.90
C ASN A 220 13.09 4.84 21.70
N THR A 221 13.08 4.34 20.46
CA THR A 221 13.69 3.05 20.19
C THR A 221 15.14 3.26 19.76
N CYS A 222 15.87 2.14 19.73
CA CYS A 222 17.22 2.01 19.20
C CYS A 222 17.20 0.99 18.07
N ARG A 223 18.28 0.95 17.27
CA ARG A 223 18.40 0.00 16.18
C ARG A 223 18.14 -1.43 16.66
N GLY A 224 18.66 -1.76 17.84
CA GLY A 224 18.52 -3.09 18.41
C GLY A 224 17.10 -3.45 18.86
N ASP A 225 16.15 -2.50 18.83
CA ASP A 225 14.75 -2.79 19.12
C ASP A 225 13.98 -3.23 17.86
N SER A 226 14.54 -2.99 16.68
CA SER A 226 13.92 -3.38 15.42
C SER A 226 13.33 -4.78 15.52
N GLY A 227 12.07 -4.91 15.09
CA GLY A 227 11.44 -6.22 14.93
C GLY A 227 10.68 -6.64 16.19
N GLY A 228 10.90 -5.94 17.30
CA GLY A 228 10.17 -6.26 18.53
C GLY A 228 8.72 -5.80 18.44
N PRO A 229 7.81 -6.41 19.22
CA PRO A 229 6.39 -6.09 19.10
C PRO A 229 6.05 -4.75 19.73
N LEU A 230 5.15 -4.01 19.05
CA LEU A 230 4.49 -2.86 19.64
C LEU A 230 3.15 -3.38 20.12
N ILE A 231 2.86 -3.14 21.39
CA ILE A 231 1.87 -3.94 22.10
C ILE A 231 0.85 -3.00 22.73
N VAL A 232 -0.42 -3.43 22.66
CA VAL A 232 -1.45 -2.79 23.44
C VAL A 232 -1.84 -3.73 24.58
N HIS A 233 -1.92 -3.18 25.80
CA HIS A 233 -2.18 -3.93 27.00
C HIS A 233 -3.61 -3.63 27.45
N LYS A 234 -4.47 -4.66 27.56
CA LYS A 234 -5.82 -4.45 28.04
C LYS A 234 -6.22 -5.53 29.03
N ARG A 235 -6.58 -5.10 30.24
CA ARG A 235 -7.07 -5.97 31.30
C ARG A 235 -6.24 -7.25 31.36
N SER A 236 -4.93 -7.08 31.55
CA SER A 236 -4.03 -8.18 31.80
C SER A 236 -3.78 -9.04 30.56
N ARG A 237 -4.19 -8.61 29.37
CA ARG A 237 -3.85 -9.32 28.14
CA ARG A 237 -3.85 -9.32 28.14
C ARG A 237 -3.03 -8.41 27.24
N PHE A 238 -2.13 -9.02 26.45
CA PHE A 238 -1.24 -8.26 25.60
C PHE A 238 -1.50 -8.63 24.13
N ILE A 239 -1.77 -7.61 23.29
CA ILE A 239 -2.03 -7.86 21.88
C ILE A 239 -0.96 -7.10 21.08
N GLN A 240 -0.35 -7.78 20.09
CA GLN A 240 0.60 -7.11 19.22
C GLN A 240 -0.16 -6.33 18.14
N VAL A 241 0.14 -5.05 17.97
CA VAL A 241 -0.49 -4.30 16.89
C VAL A 241 0.55 -3.85 15.87
N GLY A 242 1.84 -3.91 16.22
CA GLY A 242 2.86 -3.44 15.29
C GLY A 242 4.20 -4.13 15.46
N VAL A 243 5.09 -3.90 14.50
CA VAL A 243 6.48 -4.36 14.54
C VAL A 243 7.34 -3.13 14.45
N ILE A 244 8.26 -2.95 15.43
CA ILE A 244 9.12 -1.78 15.49
C ILE A 244 10.00 -1.78 14.25
N SER A 245 10.03 -0.67 13.51
CA SER A 245 10.71 -0.69 12.22
C SER A 245 11.87 0.30 12.16
N TRP A 246 11.61 1.59 12.43
CA TRP A 246 12.68 2.58 12.30
C TRP A 246 12.35 3.83 13.12
N GLY A 247 13.39 4.58 13.51
CA GLY A 247 13.22 5.75 14.35
C GLY A 247 13.93 6.98 13.80
N VAL A 248 13.56 8.14 14.36
CA VAL A 248 14.15 9.40 13.95
C VAL A 248 15.49 9.61 14.63
N VAL A 249 15.67 9.09 15.85
CA VAL A 249 16.89 9.30 16.61
CA VAL A 249 16.90 9.31 16.62
C VAL A 249 17.27 8.00 17.31
N ASP A 250 18.51 7.53 17.06
CA ASP A 250 19.02 6.40 17.82
C ASP A 250 19.49 6.91 19.17
N VAL A 251 18.66 6.72 20.20
CA VAL A 251 18.95 7.32 21.51
C VAL A 251 19.90 6.44 22.32
N CYS A 252 20.45 5.37 21.71
CA CYS A 252 21.43 4.51 22.35
C CYS A 252 22.83 5.01 21.98
N LYS A 253 22.88 5.87 20.96
CA LYS A 253 24.12 6.40 20.42
C LYS A 253 24.09 7.93 20.54
N ASN A 254 22.89 8.51 20.40
CA ASN A 254 22.73 9.90 19.98
C ASN A 254 21.65 10.61 20.82
N GLN A 255 21.78 10.51 22.15
CA GLN A 255 20.85 11.16 23.06
C GLN A 255 20.87 12.68 22.89
N LYS A 256 21.99 13.23 22.43
CA LYS A 256 22.18 14.66 22.16
C LYS A 256 21.11 15.18 21.20
N ARG A 257 20.85 14.44 20.10
CA ARG A 257 19.96 14.85 19.03
C ARG A 257 18.50 14.88 19.53
N GLN A 258 18.15 13.97 20.43
CA GLN A 258 16.79 13.91 20.93
C GLN A 258 16.52 15.13 21.82
N LYS A 259 17.56 15.60 22.50
CA LYS A 259 17.45 16.80 23.32
C LYS A 259 17.38 18.05 22.45
N GLN A 260 17.91 17.99 21.21
CA GLN A 260 17.73 19.08 20.27
C GLN A 260 16.28 19.11 19.75
N VAL A 261 15.72 17.94 19.39
CA VAL A 261 14.46 17.96 18.66
C VAL A 261 13.43 17.05 19.32
N PRO A 262 13.19 17.20 20.65
CA PRO A 262 12.40 16.20 21.39
C PRO A 262 10.94 16.11 20.95
N ALA A 263 10.40 17.22 20.45
CA ALA A 263 9.00 17.23 20.08
C ALA A 263 8.74 16.42 18.80
N HIS A 264 9.80 16.11 18.05
CA HIS A 264 9.70 15.49 16.73
C HIS A 264 10.40 14.12 16.68
N ALA A 265 10.88 13.61 17.83
CA ALA A 265 11.63 12.35 17.80
C ALA A 265 10.64 11.20 17.76
N ARG A 266 10.32 10.71 16.56
CA ARG A 266 9.28 9.71 16.42
C ARG A 266 9.88 8.34 16.15
N ASP A 267 9.08 7.29 16.40
CA ASP A 267 9.38 5.95 15.94
C ASP A 267 8.26 5.44 15.04
N PHE A 268 8.61 4.52 14.14
CA PHE A 268 7.69 4.04 13.12
C PHE A 268 7.63 2.52 13.17
N HIS A 269 6.40 2.01 13.04
CA HIS A 269 6.09 0.63 13.30
C HIS A 269 5.16 0.13 12.19
N ILE A 270 5.47 -1.04 11.64
CA ILE A 270 4.61 -1.66 10.65
C ILE A 270 3.34 -2.11 11.36
N ASN A 271 2.20 -1.57 10.88
CA ASN A 271 0.87 -1.83 11.39
C ASN A 271 0.44 -3.21 10.91
N LEU A 272 0.18 -4.12 11.87
CA LEU A 272 -0.14 -5.50 11.50
C LEU A 272 -1.51 -5.59 10.83
N PHE A 273 -2.39 -4.63 11.10
CA PHE A 273 -3.65 -4.58 10.39
C PHE A 273 -3.44 -4.34 8.90
N GLN A 274 -2.27 -3.85 8.49
CA GLN A 274 -2.04 -3.49 7.09
C GLN A 274 -1.31 -4.60 6.34
N VAL A 275 -0.98 -5.72 7.02
CA VAL A 275 -0.29 -6.84 6.37
C VAL A 275 -1.00 -8.16 6.72
N LEU A 276 -2.29 -8.06 7.01
CA LEU A 276 -3.10 -9.22 7.39
C LEU A 276 -3.12 -10.31 6.31
N PRO A 277 -3.37 -10.01 5.01
CA PRO A 277 -3.40 -11.08 3.99
C PRO A 277 -2.13 -11.94 4.04
N TRP A 278 -0.98 -11.30 4.19
CA TRP A 278 0.28 -12.02 4.29
C TRP A 278 0.39 -12.84 5.58
N LEU A 279 0.08 -12.23 6.74
CA LEU A 279 0.13 -12.94 8.02
C LEU A 279 -0.75 -14.18 7.99
N LYS A 280 -1.99 -13.98 7.50
CA LYS A 280 -3.03 -14.98 7.43
C LYS A 280 -2.57 -16.15 6.55
N GLU A 281 -1.95 -15.83 5.42
CA GLU A 281 -1.49 -16.85 4.50
C GLU A 281 -0.37 -17.68 5.13
N LYS A 282 0.66 -17.01 5.66
CA LYS A 282 1.84 -17.71 6.16
C LYS A 282 1.52 -18.51 7.42
N LEU A 283 0.56 -18.05 8.21
CA LEU A 283 0.29 -18.67 9.51
C LEU A 283 -0.97 -19.52 9.48
N GLN A 284 -1.43 -19.87 8.26
CA GLN A 284 -2.75 -20.50 8.13
C GLN A 284 -2.77 -21.87 8.84
N ASP A 285 -1.63 -22.51 9.05
CA ASP A 285 -1.68 -23.84 9.63
C ASP A 285 -1.34 -23.80 11.12
N GLU A 286 -1.41 -22.63 11.76
CA GLU A 286 -0.84 -22.51 13.10
C GLU A 286 -1.92 -22.52 14.19
N ASP A 287 -3.17 -22.83 13.84
CA ASP A 287 -4.24 -22.96 14.84
C ASP A 287 -4.49 -21.62 15.53
N LEU A 288 -4.37 -20.50 14.78
CA LEU A 288 -4.51 -19.18 15.36
C LEU A 288 -5.93 -18.66 15.19
N GLY A 289 -6.71 -19.32 14.32
CA GLY A 289 -8.10 -18.95 14.10
C GLY A 289 -8.23 -17.55 13.52
N PHE A 290 -7.53 -17.28 12.41
CA PHE A 290 -7.72 -16.01 11.74
C PHE A 290 -9.18 -15.85 11.32
N LEU A 291 -9.71 -14.64 11.52
CA LEU A 291 -11.05 -14.26 11.06
C LEU A 291 -11.07 -14.14 9.53
N SER B 3 11.52 3.35 -27.27
CA SER B 3 10.14 3.31 -27.84
C SER B 3 9.43 4.65 -27.64
N LEU B 4 8.99 5.27 -28.75
CA LEU B 4 8.41 6.60 -28.73
C LEU B 4 6.94 6.57 -28.31
N CYS B 5 6.69 6.90 -27.05
CA CYS B 5 5.33 6.84 -26.55
C CYS B 5 4.59 8.16 -26.73
N GLY B 6 3.25 8.06 -26.72
CA GLY B 6 2.32 9.16 -26.60
C GLY B 6 2.34 10.08 -27.83
N MET B 7 2.68 9.51 -28.98
CA MET B 7 2.87 10.27 -30.21
C MET B 7 1.90 9.75 -31.27
N VAL B 8 1.10 10.66 -31.83
CA VAL B 8 0.11 10.40 -32.86
C VAL B 8 0.79 10.56 -34.21
N TRP B 9 0.23 9.98 -35.29
CA TRP B 9 0.82 10.07 -36.62
C TRP B 9 0.13 11.11 -37.51
N THR B 15 -8.11 9.41 -39.04
CA THR B 15 -9.54 9.60 -38.66
C THR B 15 -9.70 9.74 -37.16
N ASP B 16 -9.61 8.61 -36.41
CA ASP B 16 -10.00 8.55 -35.01
C ASP B 16 -9.11 7.61 -34.19
N TYR B 17 -8.92 6.36 -34.64
CA TYR B 17 -7.84 5.58 -34.06
C TYR B 17 -6.48 6.16 -34.44
N HIS B 18 -6.44 6.93 -35.55
CA HIS B 18 -5.25 7.69 -35.92
C HIS B 18 -4.96 8.77 -34.89
N LYS B 19 -6.02 9.36 -34.30
CA LYS B 19 -5.87 10.43 -33.32
C LYS B 19 -5.61 9.86 -31.91
N GLN B 20 -6.17 8.68 -31.58
CA GLN B 20 -5.96 8.05 -30.28
C GLN B 20 -5.47 6.62 -30.46
N PRO B 21 -4.23 6.39 -30.96
CA PRO B 21 -3.76 5.04 -31.30
C PRO B 21 -3.51 4.05 -30.16
N TRP B 22 -3.65 4.52 -28.90
CA TRP B 22 -3.38 3.68 -27.75
C TRP B 22 -4.67 3.08 -27.24
N GLN B 23 -5.81 3.60 -27.71
CA GLN B 23 -7.09 3.22 -27.15
C GLN B 23 -7.36 1.73 -27.39
N ALA B 24 -7.85 1.04 -26.35
CA ALA B 24 -8.25 -0.35 -26.53
C ALA B 24 -9.70 -0.50 -26.14
N LYS B 25 -10.39 -1.39 -26.85
CA LYS B 25 -11.80 -1.63 -26.66
C LYS B 25 -11.97 -3.00 -26.03
N ILE B 26 -12.78 -3.07 -24.97
CA ILE B 26 -12.97 -4.31 -24.24
C ILE B 26 -14.46 -4.63 -24.15
N SER B 27 -14.79 -5.91 -24.42
CA SER B 27 -16.16 -6.43 -24.33
C SER B 27 -16.22 -7.59 -23.34
N VAL B 28 -17.26 -7.60 -22.49
CA VAL B 28 -17.49 -8.68 -21.55
C VAL B 28 -18.12 -9.82 -22.34
N ILE B 29 -17.61 -11.05 -22.17
CA ILE B 29 -18.04 -12.16 -23.01
C ILE B 29 -19.45 -12.62 -22.64
N ARG B 30 -19.74 -12.73 -21.32
CA ARG B 30 -21.12 -12.98 -20.89
C ARG B 30 -21.71 -11.71 -20.28
N PRO B 31 -22.20 -10.80 -21.14
CA PRO B 31 -22.63 -9.48 -20.66
C PRO B 31 -23.86 -9.53 -19.75
N SER B 32 -24.05 -8.46 -18.98
CA SER B 32 -25.31 -8.13 -18.33
C SER B 32 -25.38 -6.61 -18.17
N LYS B 33 -26.44 -6.11 -17.52
CA LYS B 33 -26.55 -4.68 -17.24
C LYS B 33 -25.43 -4.29 -16.28
N GLY B 34 -24.62 -3.31 -16.71
CA GLY B 34 -23.52 -2.80 -15.90
C GLY B 34 -22.17 -3.44 -16.27
N HIS B 35 -22.22 -4.60 -16.93
CA HIS B 35 -21.04 -5.39 -17.24
C HIS B 35 -21.07 -5.76 -18.73
N GLU B 36 -20.86 -4.76 -19.59
CA GLU B 36 -20.90 -4.99 -21.02
C GLU B 36 -19.57 -4.63 -21.68
N SER B 37 -18.96 -3.52 -21.26
N SER B 37 -18.97 -3.50 -21.29
CA SER B 37 -17.95 -2.86 -22.07
CA SER B 37 -17.86 -2.97 -22.07
C SER B 37 -16.97 -2.11 -21.17
C SER B 37 -16.99 -2.07 -21.22
N CYS B 38 -15.73 -1.96 -21.64
CA CYS B 38 -14.74 -1.14 -20.96
C CYS B 38 -13.76 -0.62 -22.01
N MET B 39 -12.83 0.22 -21.57
CA MET B 39 -11.73 0.70 -22.40
C MET B 39 -10.42 0.35 -21.70
N GLY B 40 -9.32 0.68 -22.37
CA GLY B 40 -7.97 0.35 -21.92
C GLY B 40 -7.00 1.18 -22.75
N ALA B 41 -5.71 1.06 -22.44
CA ALA B 41 -4.68 1.80 -23.11
C ALA B 41 -3.50 0.87 -23.38
N VAL B 42 -2.98 0.92 -24.60
CA VAL B 42 -1.76 0.21 -24.97
C VAL B 42 -0.59 0.89 -24.25
N VAL B 43 0.19 0.14 -23.47
CA VAL B 43 1.31 0.68 -22.71
C VAL B 43 2.63 0.06 -23.16
N SER B 44 2.57 -1.05 -23.87
CA SER B 44 3.76 -1.70 -24.42
C SER B 44 3.32 -2.75 -25.44
N GLU B 45 4.28 -3.47 -26.03
CA GLU B 45 4.03 -4.45 -27.08
CA GLU B 45 3.85 -4.33 -27.12
C GLU B 45 3.11 -5.56 -26.57
N TYR B 46 3.15 -5.80 -25.27
CA TYR B 46 2.46 -6.97 -24.71
C TYR B 46 1.37 -6.57 -23.71
N PHE B 47 1.15 -5.27 -23.46
CA PHE B 47 0.29 -4.92 -22.32
C PHE B 47 -0.71 -3.81 -22.65
N VAL B 48 -1.92 -4.04 -22.14
CA VAL B 48 -3.00 -3.08 -22.11
C VAL B 48 -3.38 -2.83 -20.65
N LEU B 49 -3.40 -1.55 -20.25
CA LEU B 49 -3.81 -1.14 -18.92
C LEU B 49 -5.30 -0.78 -18.91
N THR B 50 -6.00 -1.30 -17.90
CA THR B 50 -7.42 -1.04 -17.74
C THR B 50 -7.82 -1.05 -16.26
N ALA B 51 -9.12 -1.14 -15.97
CA ALA B 51 -9.64 -1.20 -14.60
C ALA B 51 -9.94 -2.63 -14.21
N ALA B 52 -9.74 -2.97 -12.93
CA ALA B 52 -9.91 -4.33 -12.44
C ALA B 52 -11.38 -4.73 -12.45
N HIS B 53 -12.32 -3.80 -12.30
CA HIS B 53 -13.73 -4.15 -12.15
C HIS B 53 -14.36 -4.56 -13.49
N CYS B 54 -13.59 -4.50 -14.57
CA CYS B 54 -14.10 -4.85 -15.89
C CYS B 54 -14.17 -6.37 -16.09
N PHE B 55 -13.49 -7.14 -15.22
CA PHE B 55 -13.36 -8.59 -15.33
C PHE B 55 -14.31 -9.27 -14.34
N THR B 56 -14.61 -10.56 -14.59
CA THR B 56 -15.21 -11.39 -13.56
C THR B 56 -14.09 -11.92 -12.66
N VAL B 57 -14.41 -12.13 -11.37
CA VAL B 57 -13.39 -12.55 -10.42
C VAL B 57 -12.89 -13.95 -10.77
N ASP B 58 -13.81 -14.82 -11.23
CA ASP B 58 -13.50 -16.19 -11.62
C ASP B 58 -13.13 -16.23 -13.11
N ASP B 59 -12.12 -17.04 -13.45
CA ASP B 59 -11.64 -17.21 -14.82
C ASP B 59 -11.44 -15.86 -15.51
N LYS B 60 -10.63 -14.97 -14.94
CA LYS B 60 -10.47 -13.62 -15.46
C LYS B 60 -10.09 -13.65 -16.95
N GLU B 61 -9.12 -14.52 -17.28
CA GLU B 61 -8.45 -14.51 -18.58
C GLU B 61 -9.43 -14.78 -19.73
N HIS B 62 -10.54 -15.46 -19.46
CA HIS B 62 -11.49 -15.81 -20.51
C HIS B 62 -12.79 -15.01 -20.38
N SER B 63 -12.76 -13.89 -19.65
CA SER B 63 -14.01 -13.22 -19.32
C SER B 63 -14.24 -11.97 -20.18
N ILE B 64 -13.25 -11.58 -21.01
CA ILE B 64 -13.38 -10.39 -21.83
C ILE B 64 -12.75 -10.67 -23.19
N LYS B 65 -13.09 -9.83 -24.17
CA LYS B 65 -12.37 -9.70 -25.42
C LYS B 65 -11.75 -8.31 -25.47
N VAL B 66 -10.60 -8.19 -26.13
CA VAL B 66 -9.96 -6.89 -26.24
C VAL B 66 -9.53 -6.69 -27.68
N SER B 67 -9.75 -5.48 -28.20
CA SER B 67 -9.32 -5.11 -29.55
C SER B 67 -8.55 -3.80 -29.47
N VAL B 68 -7.65 -3.58 -30.42
CA VAL B 68 -6.90 -2.34 -30.58
C VAL B 68 -7.03 -1.86 -32.02
N GLY B 69 -6.60 -0.62 -32.29
CA GLY B 69 -6.43 -0.10 -33.64
C GLY B 69 -7.76 0.09 -34.36
N GLY B 70 -8.87 -0.22 -33.67
CA GLY B 70 -10.19 -0.23 -34.25
C GLY B 70 -10.52 -1.51 -35.00
N GLU B 71 -9.65 -2.54 -34.91
CA GLU B 71 -9.76 -3.78 -35.67
C GLU B 71 -10.90 -4.64 -35.10
N LYS B 72 -11.40 -5.56 -35.94
CA LYS B 72 -12.51 -6.43 -35.57
C LYS B 72 -11.98 -7.56 -34.70
N ARG B 73 -10.74 -7.99 -34.97
CA ARG B 73 -10.14 -9.15 -34.33
C ARG B 73 -9.85 -8.88 -32.85
N ASP B 74 -9.98 -9.95 -32.07
CA ASP B 74 -9.74 -9.98 -30.63
C ASP B 74 -8.34 -10.55 -30.40
N LEU B 75 -7.65 -10.00 -29.40
CA LEU B 75 -6.30 -10.45 -29.12
C LEU B 75 -6.34 -11.54 -28.06
N GLU B 76 -5.45 -12.52 -28.21
CA GLU B 76 -5.31 -13.60 -27.24
C GLU B 76 -4.77 -13.00 -25.93
N ILE B 77 -5.53 -13.21 -24.84
CA ILE B 77 -5.14 -12.72 -23.53
C ILE B 77 -4.46 -13.85 -22.76
N GLU B 78 -3.19 -13.64 -22.38
CA GLU B 78 -2.41 -14.65 -21.69
C GLU B 78 -2.62 -14.59 -20.18
N VAL B 79 -2.48 -13.38 -19.60
CA VAL B 79 -2.74 -13.23 -18.18
CA VAL B 79 -2.63 -13.18 -18.16
C VAL B 79 -3.35 -11.85 -17.91
N VAL B 80 -4.18 -11.82 -16.86
CA VAL B 80 -4.79 -10.62 -16.31
C VAL B 80 -4.25 -10.44 -14.89
N LEU B 81 -3.59 -9.29 -14.64
CA LEU B 81 -2.99 -9.00 -13.36
C LEU B 81 -3.83 -7.91 -12.68
N PHE B 82 -4.50 -8.25 -11.57
CA PHE B 82 -5.24 -7.28 -10.79
C PHE B 82 -4.25 -6.64 -9.82
N HIS B 83 -4.35 -5.33 -9.58
CA HIS B 83 -3.62 -4.81 -8.44
C HIS B 83 -3.96 -5.65 -7.22
N PRO B 84 -2.98 -6.14 -6.41
CA PRO B 84 -3.27 -7.02 -5.29
C PRO B 84 -4.19 -6.47 -4.20
N ASN B 85 -4.36 -5.14 -4.13
CA ASN B 85 -5.14 -4.57 -3.05
C ASN B 85 -6.59 -4.36 -3.48
N TYR B 86 -6.89 -4.66 -4.75
CA TYR B 86 -8.25 -4.49 -5.25
C TYR B 86 -9.19 -5.59 -4.73
N ASN B 87 -10.37 -5.17 -4.26
CA ASN B 87 -11.42 -6.04 -3.75
C ASN B 87 -12.70 -5.22 -3.65
N ILE B 88 -13.65 -5.52 -4.54
CA ILE B 88 -14.85 -4.72 -4.73
C ILE B 88 -15.77 -4.90 -3.52
N ASN B 89 -15.62 -6.03 -2.81
CA ASN B 89 -16.43 -6.37 -1.65
C ASN B 89 -15.71 -5.97 -0.37
N GLY B 90 -14.58 -5.28 -0.51
CA GLY B 90 -13.67 -5.05 0.60
C GLY B 90 -14.30 -4.32 1.79
N LYS B 91 -15.41 -3.60 1.57
CA LYS B 91 -15.93 -2.74 2.62
C LYS B 91 -17.45 -2.86 2.78
N LYS B 92 -18.02 -4.02 2.41
CA LYS B 92 -19.45 -4.29 2.61
C LYS B 92 -19.88 -3.94 4.02
N GLU B 93 -19.12 -4.44 4.99
CA GLU B 93 -19.40 -4.30 6.42
C GLU B 93 -19.59 -2.83 6.80
N ALA B 94 -18.81 -1.93 6.19
CA ALA B 94 -18.88 -0.51 6.51
C ALA B 94 -19.95 0.20 5.66
N GLY B 95 -20.82 -0.57 4.99
CA GLY B 95 -21.90 0.03 4.23
C GLY B 95 -21.52 0.51 2.82
N ILE B 96 -20.30 0.17 2.37
CA ILE B 96 -19.87 0.48 1.01
C ILE B 96 -20.07 -0.77 0.15
N PRO B 97 -21.10 -0.75 -0.71
CA PRO B 97 -21.44 -1.92 -1.49
C PRO B 97 -20.45 -2.26 -2.62
N GLU B 98 -19.81 -1.24 -3.21
CA GLU B 98 -18.73 -1.47 -4.17
C GLU B 98 -17.59 -0.50 -3.88
N PHE B 99 -16.39 -1.05 -3.66
CA PHE B 99 -15.23 -0.30 -3.24
C PHE B 99 -14.19 -0.34 -4.37
N TYR B 100 -13.88 0.83 -4.95
CA TYR B 100 -13.10 0.88 -6.18
C TYR B 100 -11.63 1.18 -5.90
N ASP B 101 -11.21 1.06 -4.64
CA ASP B 101 -9.83 1.34 -4.32
C ASP B 101 -8.94 0.44 -5.17
N TYR B 102 -7.83 0.97 -5.70
CA TYR B 102 -6.83 0.18 -6.45
C TYR B 102 -7.44 -0.54 -7.67
N ASP B 103 -8.37 0.13 -8.36
CA ASP B 103 -9.11 -0.46 -9.46
C ASP B 103 -8.30 -0.37 -10.75
N VAL B 104 -7.16 -1.07 -10.79
CA VAL B 104 -6.36 -1.19 -12.01
C VAL B 104 -5.99 -2.65 -12.28
N ALA B 105 -5.83 -2.97 -13.55
CA ALA B 105 -5.47 -4.31 -14.00
C ALA B 105 -4.66 -4.18 -15.28
N LEU B 106 -3.73 -5.12 -15.48
CA LEU B 106 -2.96 -5.20 -16.71
C LEU B 106 -3.33 -6.50 -17.44
N ILE B 107 -3.62 -6.33 -18.73
CA ILE B 107 -3.85 -7.43 -19.64
C ILE B 107 -2.52 -7.71 -20.32
N LYS B 108 -1.96 -8.90 -20.08
CA LYS B 108 -0.76 -9.33 -20.80
C LYS B 108 -1.18 -10.12 -22.04
N LEU B 109 -0.82 -9.60 -23.21
CA LEU B 109 -1.16 -10.22 -24.48
C LEU B 109 -0.23 -11.39 -24.75
N LYS B 110 -0.77 -12.44 -25.38
CA LYS B 110 0.14 -13.52 -25.77
C LYS B 110 1.02 -13.06 -26.93
N ASN B 111 0.47 -12.36 -27.93
CA ASN B 111 1.26 -11.97 -29.10
C ASN B 111 1.65 -10.49 -29.02
N LYS B 112 2.84 -10.21 -29.57
CA LYS B 112 3.43 -8.89 -29.62
C LYS B 112 2.58 -8.02 -30.53
N LEU B 113 2.16 -6.85 -30.03
CA LEU B 113 1.51 -5.88 -30.89
C LEU B 113 2.53 -5.35 -31.89
N LYS B 114 2.04 -5.07 -33.10
CA LYS B 114 2.87 -4.46 -34.13
C LYS B 114 2.47 -2.99 -34.23
N TYR B 115 3.36 -2.10 -33.77
CA TYR B 115 3.07 -0.67 -33.77
C TYR B 115 2.88 -0.19 -35.21
N GLY B 116 1.97 0.77 -35.40
CA GLY B 116 1.70 1.32 -36.71
C GLY B 116 0.95 2.64 -36.57
N GLN B 117 0.12 2.97 -37.56
CA GLN B 117 -0.51 4.28 -37.55
C GLN B 117 -1.73 4.28 -36.63
N THR B 118 -2.25 3.11 -36.28
CA THR B 118 -3.47 3.05 -35.47
C THR B 118 -3.21 2.29 -34.16
N ILE B 119 -1.98 1.84 -33.94
CA ILE B 119 -1.60 1.13 -32.74
C ILE B 119 -0.28 1.69 -32.24
N ARG B 120 -0.34 2.40 -31.11
CA ARG B 120 0.84 3.03 -30.53
C ARG B 120 0.70 3.03 -29.01
N PRO B 121 1.83 3.00 -28.25
CA PRO B 121 1.76 3.03 -26.79
C PRO B 121 1.53 4.46 -26.28
N ILE B 122 0.79 4.62 -25.17
CA ILE B 122 0.76 5.91 -24.50
C ILE B 122 1.92 5.97 -23.52
N CYS B 123 2.35 7.18 -23.11
CA CYS B 123 3.41 7.33 -22.13
C CYS B 123 2.88 7.12 -20.72
N LEU B 124 3.68 6.41 -19.91
CA LEU B 124 3.36 6.24 -18.52
C LEU B 124 4.20 7.17 -17.67
N PRO B 125 3.67 7.60 -16.50
CA PRO B 125 4.43 8.46 -15.59
C PRO B 125 5.63 7.75 -14.99
N CYS B 126 6.66 8.56 -14.72
CA CYS B 126 7.93 8.14 -14.12
C CYS B 126 8.66 7.13 -15.00
N THR B 127 8.65 7.40 -16.32
CA THR B 127 9.42 6.61 -17.26
C THR B 127 10.31 7.52 -18.08
N GLU B 128 11.37 6.95 -18.66
CA GLU B 128 12.25 7.67 -19.58
C GLU B 128 11.43 8.10 -20.79
N GLY B 129 10.42 7.33 -21.15
CA GLY B 129 9.61 7.68 -22.30
C GLY B 129 8.90 9.01 -22.10
N THR B 130 8.39 9.22 -20.88
CA THR B 130 7.71 10.46 -20.55
C THR B 130 8.72 11.60 -20.45
N THR B 131 9.91 11.34 -19.91
CA THR B 131 10.88 12.41 -19.93
C THR B 131 11.31 12.78 -21.35
N ARG B 132 11.46 11.82 -22.27
CA ARG B 132 11.80 12.19 -23.64
C ARG B 132 10.63 12.94 -24.26
N ALA B 133 9.42 12.41 -24.05
CA ALA B 133 8.19 12.98 -24.58
C ALA B 133 8.00 14.43 -24.13
N LEU B 134 8.39 14.77 -22.90
CA LEU B 134 8.17 16.09 -22.36
C LEU B 134 9.40 16.97 -22.52
N ARG B 135 10.43 16.47 -23.23
CA ARG B 135 11.65 17.23 -23.54
C ARG B 135 12.32 17.71 -22.26
N LEU B 136 12.44 16.82 -21.26
CA LEU B 136 13.02 17.18 -19.97
C LEU B 136 14.44 16.64 -19.91
N PRO B 137 15.26 17.19 -19.02
CA PRO B 137 16.65 16.79 -18.89
C PRO B 137 16.77 15.33 -18.46
N PRO B 138 17.88 14.67 -18.79
CA PRO B 138 17.98 13.24 -18.53
C PRO B 138 18.02 12.89 -17.04
N THR B 139 18.28 13.91 -16.19
CA THR B 139 18.38 13.75 -14.74
C THR B 139 17.01 13.94 -14.07
N THR B 140 15.95 14.11 -14.87
CA THR B 140 14.59 14.29 -14.36
C THR B 140 14.19 13.12 -13.44
N THR B 141 13.66 13.46 -12.26
CA THR B 141 13.17 12.46 -11.32
C THR B 141 11.66 12.24 -11.44
N CYS B 142 11.20 11.19 -10.76
CA CYS B 142 9.80 10.84 -10.66
C CYS B 142 9.02 12.04 -10.10
N GLN B 143 9.53 12.60 -9.01
CA GLN B 143 8.91 13.71 -8.34
C GLN B 143 8.78 14.92 -9.26
N GLN B 144 9.80 15.17 -10.11
CA GLN B 144 9.73 16.31 -11.00
C GLN B 144 8.65 16.11 -12.07
N GLN B 145 8.46 14.86 -12.55
CA GLN B 145 7.43 14.52 -13.51
C GLN B 145 6.04 14.72 -12.89
N LYS B 146 5.87 14.35 -11.62
CA LYS B 146 4.63 14.60 -10.89
C LYS B 146 4.32 16.09 -10.83
N GLU B 147 5.34 16.93 -10.52
CA GLU B 147 5.16 18.37 -10.40
C GLU B 147 4.77 18.94 -11.77
N GLU B 148 5.37 18.40 -12.83
CA GLU B 148 5.08 18.83 -14.19
C GLU B 148 3.66 18.39 -14.59
N LEU B 149 3.28 17.15 -14.25
CA LEU B 149 2.05 16.58 -14.79
C LEU B 149 0.85 16.85 -13.89
N LEU B 150 1.03 16.73 -12.57
CA LEU B 150 -0.08 16.95 -11.66
C LEU B 150 0.27 18.03 -10.66
N PRO B 151 0.36 19.32 -11.07
CA PRO B 151 0.59 20.40 -10.10
C PRO B 151 -0.67 20.57 -9.24
N ALA B 152 -0.54 21.32 -8.14
CA ALA B 152 -1.63 21.53 -7.19
C ALA B 152 -2.57 22.64 -7.68
N GLN B 153 -3.36 22.34 -8.71
CA GLN B 153 -4.27 23.30 -9.31
C GLN B 153 -5.30 22.50 -10.11
N ASP B 154 -6.16 23.22 -10.86
CA ASP B 154 -7.02 22.61 -11.85
C ASP B 154 -6.19 22.23 -13.07
N ILE B 155 -6.25 20.94 -13.45
CA ILE B 155 -5.40 20.42 -14.50
C ILE B 155 -6.27 20.04 -15.69
N LYS B 156 -6.00 20.68 -16.83
CA LYS B 156 -6.74 20.35 -18.03
C LYS B 156 -6.28 18.97 -18.49
N ALA B 157 -7.26 18.13 -18.85
CA ALA B 157 -7.03 16.73 -19.18
C ALA B 157 -8.10 16.27 -20.16
N LEU B 158 -8.09 14.97 -20.52
CA LEU B 158 -9.06 14.48 -21.49
C LEU B 158 -9.23 12.96 -21.31
N PHE B 159 -10.38 12.44 -21.74
CA PHE B 159 -10.55 11.00 -21.85
C PHE B 159 -11.28 10.74 -23.15
N VAL B 160 -11.38 9.47 -23.56
CA VAL B 160 -11.95 9.08 -24.85
C VAL B 160 -13.11 8.12 -24.63
N SER B 161 -14.22 8.40 -25.33
CA SER B 161 -15.45 7.61 -25.35
C SER B 161 -15.66 7.01 -26.74
N GLU B 162 -16.17 5.76 -26.81
CA GLU B 162 -16.23 4.99 -28.05
C GLU B 162 -17.65 4.51 -28.29
N GLU B 163 -18.07 4.52 -29.57
CA GLU B 163 -19.27 3.86 -30.07
C GLU B 163 -19.12 3.45 -31.54
N GLU B 164 -19.21 2.13 -31.77
CA GLU B 164 -19.11 1.51 -33.10
C GLU B 164 -17.87 2.04 -33.82
N LYS B 165 -16.73 1.91 -33.14
CA LYS B 165 -15.39 2.27 -33.59
C LYS B 165 -15.24 3.77 -33.83
N LYS B 166 -16.21 4.59 -33.36
CA LYS B 166 -16.08 6.05 -33.38
C LYS B 166 -15.68 6.57 -31.99
N LEU B 167 -14.47 7.14 -31.90
CA LEU B 167 -13.92 7.68 -30.67
C LEU B 167 -14.13 9.21 -30.64
N THR B 168 -14.61 9.69 -29.49
CA THR B 168 -14.79 11.12 -29.23
C THR B 168 -13.96 11.52 -28.00
N ARG B 169 -13.10 12.53 -28.19
CA ARG B 169 -12.29 13.16 -27.18
C ARG B 169 -13.17 14.07 -26.32
N LYS B 170 -13.17 13.86 -25.00
CA LYS B 170 -13.89 14.72 -24.07
C LYS B 170 -12.89 15.38 -23.13
N GLU B 171 -12.97 16.71 -23.00
CA GLU B 171 -11.99 17.46 -22.23
C GLU B 171 -12.54 17.74 -20.83
N VAL B 172 -11.71 17.51 -19.80
CA VAL B 172 -12.13 17.63 -18.41
C VAL B 172 -11.03 18.39 -17.66
N TYR B 173 -11.31 18.71 -16.38
CA TYR B 173 -10.32 19.25 -15.47
C TYR B 173 -10.21 18.37 -14.24
N ILE B 174 -8.97 18.05 -13.87
CA ILE B 174 -8.65 17.37 -12.62
C ILE B 174 -8.56 18.41 -11.50
N LYS B 175 -9.36 18.20 -10.46
CA LYS B 175 -9.37 19.13 -9.34
C LYS B 175 -8.28 18.76 -8.34
N ASN B 176 -7.08 19.31 -8.53
CA ASN B 176 -5.94 18.91 -7.70
C ASN B 176 -5.47 20.08 -6.82
N GLY B 177 -6.24 21.17 -6.78
CA GLY B 177 -5.88 22.32 -5.94
C GLY B 177 -6.96 22.56 -4.89
N ASP B 178 -7.38 23.83 -4.79
CA ASP B 178 -8.42 24.39 -3.94
C ASP B 178 -9.70 23.56 -3.92
N LYS B 179 -10.06 22.98 -5.07
CA LYS B 179 -11.38 22.39 -5.23
C LYS B 179 -11.32 20.88 -4.96
N LYS B 180 -10.14 20.37 -4.60
CA LYS B 180 -10.00 18.93 -4.45
C LYS B 180 -10.98 18.37 -3.40
N GLY B 181 -11.06 19.00 -2.24
CA GLY B 181 -11.91 18.55 -1.15
C GLY B 181 -13.39 18.50 -1.57
N SER B 182 -13.85 19.56 -2.24
CA SER B 182 -15.24 19.63 -2.69
C SER B 182 -15.50 18.55 -3.72
N CYS B 183 -14.55 18.37 -4.63
CA CYS B 183 -14.69 17.35 -5.65
C CYS B 183 -14.91 15.98 -4.97
N GLU B 184 -14.03 15.63 -4.03
CA GLU B 184 -14.07 14.35 -3.35
C GLU B 184 -15.35 14.18 -2.53
N ARG B 185 -15.79 15.26 -1.85
CA ARG B 185 -16.94 15.17 -0.96
C ARG B 185 -18.21 14.84 -1.76
N ASP B 186 -18.24 15.18 -3.05
CA ASP B 186 -19.42 14.96 -3.88
C ASP B 186 -19.63 13.49 -4.19
N ALA B 187 -18.68 12.63 -3.81
CA ALA B 187 -18.91 11.18 -3.87
C ALA B 187 -20.21 10.79 -3.18
N GLN B 188 -20.66 11.58 -2.18
CA GLN B 188 -21.85 11.30 -1.41
C GLN B 188 -23.14 11.39 -2.24
N TYR B 189 -23.05 11.94 -3.46
CA TYR B 189 -24.20 11.98 -4.37
C TYR B 189 -24.33 10.69 -5.19
N ALA B 190 -23.35 9.80 -5.12
CA ALA B 190 -23.44 8.56 -5.90
C ALA B 190 -24.43 7.62 -5.22
N PRO B 191 -25.34 7.02 -5.99
CA PRO B 191 -26.24 6.01 -5.41
C PRO B 191 -25.49 4.92 -4.65
N GLY B 192 -25.85 4.69 -3.38
CA GLY B 192 -25.19 3.70 -2.53
C GLY B 192 -24.11 4.29 -1.64
N TYR B 193 -23.76 5.57 -1.84
CA TYR B 193 -22.65 6.17 -1.14
C TYR B 193 -23.11 7.20 -0.11
N ASP B 194 -24.42 7.28 0.14
CA ASP B 194 -24.93 8.27 1.08
C ASP B 194 -24.83 7.80 2.53
N LYS B 195 -24.68 6.49 2.76
CA LYS B 195 -24.77 5.95 4.11
C LYS B 195 -23.43 5.98 4.86
N VAL B 196 -22.31 6.13 4.14
CA VAL B 196 -20.98 6.01 4.74
C VAL B 196 -20.56 7.35 5.34
N LYS B 197 -20.47 7.44 6.68
CA LYS B 197 -20.44 8.77 7.29
C LYS B 197 -19.10 9.47 7.08
N ASP B 198 -18.04 8.72 6.77
CA ASP B 198 -16.83 9.38 6.33
C ASP B 198 -16.53 9.02 4.88
N ILE B 199 -16.51 10.05 4.03
CA ILE B 199 -16.50 9.85 2.59
C ILE B 199 -15.08 9.48 2.14
N SER B 200 -14.06 9.86 2.91
CA SER B 200 -12.72 9.43 2.55
C SER B 200 -12.56 7.91 2.63
N GLU B 201 -13.59 7.23 3.14
CA GLU B 201 -13.57 5.77 3.14
C GLU B 201 -13.86 5.26 1.73
N VAL B 202 -14.57 6.07 0.91
CA VAL B 202 -14.85 5.68 -0.46
C VAL B 202 -13.82 6.32 -1.40
N VAL B 203 -13.39 7.54 -1.08
CA VAL B 203 -12.45 8.29 -1.90
C VAL B 203 -11.09 8.26 -1.20
N THR B 204 -10.29 7.26 -1.51
CA THR B 204 -9.01 7.08 -0.86
C THR B 204 -7.98 7.93 -1.59
N PRO B 205 -6.74 8.02 -1.04
CA PRO B 205 -5.65 8.75 -1.70
C PRO B 205 -5.29 8.25 -3.10
N ARG B 206 -5.81 7.08 -3.52
CA ARG B 206 -5.55 6.52 -4.84
C ARG B 206 -6.27 7.27 -5.97
N PHE B 207 -7.16 8.21 -5.65
CA PHE B 207 -8.09 8.76 -6.65
C PHE B 207 -7.79 10.20 -7.04
N LEU B 208 -7.92 10.48 -8.35
CA LEU B 208 -8.06 11.82 -8.88
C LEU B 208 -9.54 12.05 -9.17
N CYS B 209 -9.96 13.32 -9.25
CA CYS B 209 -11.35 13.69 -9.36
C CYS B 209 -11.51 14.69 -10.52
N THR B 210 -12.49 14.44 -11.42
CA THR B 210 -12.90 15.36 -12.48
C THR B 210 -14.41 15.58 -12.40
N GLY B 211 -14.96 16.43 -13.30
CA GLY B 211 -16.40 16.66 -13.39
C GLY B 211 -16.85 17.92 -12.63
N GLY B 212 -18.10 18.34 -12.85
CA GLY B 212 -18.65 19.55 -12.25
C GLY B 212 -18.61 20.75 -13.21
N VAL B 213 -18.83 21.98 -12.69
CA VAL B 213 -19.08 23.12 -13.57
C VAL B 213 -18.02 24.21 -13.41
N SER B 214 -17.10 24.07 -12.46
CA SER B 214 -15.99 25.02 -12.38
C SER B 214 -14.66 24.29 -12.46
N PRO B 215 -13.60 24.82 -13.08
CA PRO B 215 -13.61 26.14 -13.76
C PRO B 215 -14.42 26.25 -15.05
N TYR B 216 -14.73 25.10 -15.65
CA TYR B 216 -15.57 25.05 -16.83
C TYR B 216 -16.52 23.86 -16.67
N ALA B 217 -17.41 23.70 -17.64
CA ALA B 217 -18.36 22.59 -17.58
C ALA B 217 -17.68 21.35 -18.16
N ASP B 218 -17.61 20.26 -17.37
CA ASP B 218 -16.88 19.05 -17.75
C ASP B 218 -17.87 18.00 -18.26
N PRO B 219 -17.61 17.26 -19.35
CA PRO B 219 -18.40 16.07 -19.66
C PRO B 219 -18.17 14.99 -18.59
N ASN B 220 -19.13 14.07 -18.46
CA ASN B 220 -19.06 12.98 -17.50
C ASN B 220 -18.79 11.66 -18.21
N THR B 221 -18.37 10.64 -17.43
CA THR B 221 -18.12 9.33 -18.00
C THR B 221 -19.39 8.49 -17.89
N CYS B 222 -19.37 7.33 -18.57
CA CYS B 222 -20.36 6.28 -18.52
C CYS B 222 -19.67 4.99 -18.06
N ARG B 223 -20.49 3.99 -17.68
CA ARG B 223 -19.97 2.69 -17.25
CA ARG B 223 -19.96 2.71 -17.22
C ARG B 223 -18.96 2.17 -18.26
N GLY B 224 -19.27 2.31 -19.55
CA GLY B 224 -18.47 1.74 -20.63
C GLY B 224 -17.14 2.45 -20.86
N ASP B 225 -16.91 3.58 -20.16
CA ASP B 225 -15.62 4.27 -20.20
C ASP B 225 -14.62 3.69 -19.17
N SER B 226 -15.11 2.94 -18.19
CA SER B 226 -14.26 2.30 -17.19
C SER B 226 -12.99 1.72 -17.80
N GLY B 227 -11.85 2.04 -17.20
CA GLY B 227 -10.58 1.45 -17.56
C GLY B 227 -9.84 2.26 -18.61
N GLY B 228 -10.51 3.21 -19.25
CA GLY B 228 -9.87 4.04 -20.26
C GLY B 228 -8.94 5.07 -19.64
N PRO B 229 -7.89 5.51 -20.35
CA PRO B 229 -6.89 6.42 -19.80
C PRO B 229 -7.42 7.84 -19.60
N LEU B 230 -7.08 8.44 -18.46
CA LEU B 230 -7.24 9.88 -18.23
C LEU B 230 -5.90 10.47 -18.61
N ILE B 231 -5.92 11.46 -19.50
CA ILE B 231 -4.72 11.81 -20.26
C ILE B 231 -4.46 13.30 -20.09
N VAL B 232 -3.18 13.63 -19.98
CA VAL B 232 -2.76 15.02 -20.04
C VAL B 232 -2.02 15.22 -21.36
N HIS B 233 -2.38 16.31 -22.06
CA HIS B 233 -1.80 16.60 -23.36
C HIS B 233 -0.83 17.77 -23.19
N LYS B 234 0.46 17.52 -23.40
CA LYS B 234 1.47 18.53 -23.16
C LYS B 234 2.50 18.40 -24.28
N ARG B 235 2.88 19.54 -24.86
CA ARG B 235 3.93 19.62 -25.87
C ARG B 235 3.66 18.62 -26.98
N SER B 236 2.40 18.51 -27.45
CA SER B 236 2.02 17.63 -28.55
C SER B 236 2.18 16.14 -28.22
N ARG B 237 2.37 15.78 -26.95
CA ARG B 237 2.51 14.38 -26.57
C ARG B 237 1.40 14.04 -25.57
N PHE B 238 1.02 12.77 -25.50
CA PHE B 238 -0.06 12.37 -24.62
C PHE B 238 0.47 11.49 -23.50
N ILE B 239 0.21 11.90 -22.25
CA ILE B 239 0.72 11.16 -21.10
C ILE B 239 -0.47 10.68 -20.28
N GLN B 240 -0.48 9.39 -19.94
CA GLN B 240 -1.57 8.86 -19.13
C GLN B 240 -1.31 9.15 -17.65
N VAL B 241 -2.27 9.77 -16.96
CA VAL B 241 -2.06 10.05 -15.55
C VAL B 241 -3.02 9.24 -14.67
N GLY B 242 -4.08 8.69 -15.28
CA GLY B 242 -5.08 7.98 -14.50
C GLY B 242 -5.80 6.90 -15.31
N VAL B 243 -6.56 6.04 -14.60
CA VAL B 243 -7.47 5.08 -15.20
C VAL B 243 -8.88 5.40 -14.71
N ILE B 244 -9.84 5.53 -15.64
CA ILE B 244 -11.21 5.88 -15.30
C ILE B 244 -11.78 4.77 -14.43
N SER B 245 -12.36 5.13 -13.29
CA SER B 245 -12.79 4.09 -12.37
C SER B 245 -14.30 4.11 -12.11
N TRP B 246 -14.84 5.26 -11.65
CA TRP B 246 -16.26 5.31 -11.31
C TRP B 246 -16.78 6.73 -11.30
N GLY B 247 -18.11 6.88 -11.51
CA GLY B 247 -18.72 8.19 -11.59
C GLY B 247 -19.95 8.32 -10.68
N VAL B 248 -20.32 9.58 -10.45
CA VAL B 248 -21.49 9.89 -9.65
C VAL B 248 -22.78 9.73 -10.46
N VAL B 249 -22.73 9.97 -11.77
CA VAL B 249 -23.92 9.95 -12.61
CA VAL B 249 -23.92 9.97 -12.63
C VAL B 249 -23.60 9.23 -13.92
N ASP B 250 -24.38 8.18 -14.25
CA ASP B 250 -24.21 7.57 -15.57
C ASP B 250 -24.95 8.43 -16.59
N VAL B 251 -24.18 9.22 -17.35
CA VAL B 251 -24.71 10.21 -18.28
C VAL B 251 -25.27 9.57 -19.56
N CYS B 252 -25.12 8.24 -19.73
CA CYS B 252 -25.48 7.53 -20.95
C CYS B 252 -26.89 6.90 -20.90
N PRO B 262 -25.57 18.06 -10.88
CA PRO B 262 -24.85 18.65 -12.05
C PRO B 262 -23.61 19.41 -11.57
N ALA B 263 -23.78 20.22 -10.51
CA ALA B 263 -22.63 20.85 -9.89
C ALA B 263 -21.81 19.83 -9.10
N HIS B 264 -22.38 18.65 -8.84
CA HIS B 264 -21.75 17.62 -8.00
C HIS B 264 -21.42 16.34 -8.77
N ALA B 265 -21.66 16.33 -10.09
CA ALA B 265 -21.47 15.14 -10.90
C ALA B 265 -19.98 14.95 -11.18
N ARG B 266 -19.31 14.16 -10.34
CA ARG B 266 -17.87 13.98 -10.47
C ARG B 266 -17.56 12.59 -11.02
N ASP B 267 -16.34 12.46 -11.58
CA ASP B 267 -15.78 11.16 -11.94
C ASP B 267 -14.48 10.93 -11.16
N PHE B 268 -14.18 9.65 -10.90
CA PHE B 268 -13.05 9.28 -10.06
C PHE B 268 -12.16 8.32 -10.83
N HIS B 269 -10.86 8.54 -10.69
CA HIS B 269 -9.87 7.88 -11.53
C HIS B 269 -8.71 7.47 -10.64
N ILE B 270 -8.21 6.26 -10.86
CA ILE B 270 -7.05 5.81 -10.13
C ILE B 270 -5.84 6.57 -10.66
N ASN B 271 -5.16 7.27 -9.73
CA ASN B 271 -3.96 8.03 -9.96
C ASN B 271 -2.79 7.07 -10.19
N LEU B 272 -2.13 7.13 -11.36
CA LEU B 272 -1.08 6.17 -11.68
C LEU B 272 0.15 6.42 -10.81
N PHE B 273 0.34 7.65 -10.34
CA PHE B 273 1.46 7.92 -9.45
C PHE B 273 1.28 7.17 -8.13
N GLN B 274 0.04 6.78 -7.82
CA GLN B 274 -0.26 6.15 -6.53
C GLN B 274 -0.19 4.62 -6.63
N VAL B 275 0.04 4.06 -7.83
CA VAL B 275 0.16 2.60 -7.99
C VAL B 275 1.44 2.29 -8.78
N LEU B 276 2.38 3.23 -8.74
CA LEU B 276 3.66 3.10 -9.42
C LEU B 276 4.46 1.86 -9.03
N PRO B 277 4.60 1.52 -7.72
CA PRO B 277 5.36 0.34 -7.34
C PRO B 277 4.88 -0.92 -8.06
N TRP B 278 3.56 -1.08 -8.14
CA TRP B 278 2.94 -2.20 -8.85
C TRP B 278 3.18 -2.12 -10.36
N LEU B 279 2.96 -0.94 -10.99
CA LEU B 279 3.15 -0.80 -12.43
C LEU B 279 4.59 -1.16 -12.80
N LYS B 280 5.55 -0.61 -12.02
CA LYS B 280 6.98 -0.76 -12.24
C LYS B 280 7.36 -2.24 -12.15
N GLU B 281 6.78 -2.93 -11.16
CA GLU B 281 7.10 -4.33 -10.96
C GLU B 281 6.55 -5.19 -12.12
N LYS B 282 5.26 -5.01 -12.46
CA LYS B 282 4.63 -5.87 -13.46
C LYS B 282 5.20 -5.62 -14.85
N LEU B 283 5.65 -4.39 -15.11
CA LEU B 283 6.06 -4.02 -16.45
C LEU B 283 7.59 -3.99 -16.55
N GLN B 284 8.29 -4.58 -15.58
CA GLN B 284 9.73 -4.40 -15.51
C GLN B 284 10.42 -4.98 -16.74
N ASP B 285 9.79 -5.92 -17.43
CA ASP B 285 10.47 -6.51 -18.58
C ASP B 285 9.89 -5.97 -19.88
N GLU B 286 9.36 -4.74 -19.84
CA GLU B 286 8.76 -4.17 -21.02
C GLU B 286 9.63 -3.07 -21.63
N ASP B 287 10.79 -2.80 -21.04
CA ASP B 287 11.71 -1.84 -21.62
C ASP B 287 11.11 -0.44 -21.69
N LEU B 288 10.36 -0.03 -20.65
CA LEU B 288 9.75 1.30 -20.62
C LEU B 288 10.63 2.29 -19.87
N GLY B 289 11.68 1.79 -19.21
CA GLY B 289 12.67 2.61 -18.54
C GLY B 289 12.04 3.37 -17.37
N PHE B 290 11.38 2.62 -16.48
CA PHE B 290 10.89 3.19 -15.25
C PHE B 290 12.04 3.81 -14.49
N LEU B 291 11.81 5.01 -13.95
CA LEU B 291 12.77 5.68 -13.08
C LEU B 291 12.84 4.95 -11.73
#